data_3ZIG
#
_entry.id   3ZIG
#
_cell.length_a   59.327
_cell.length_b   59.327
_cell.length_c   177.484
_cell.angle_alpha   90.00
_cell.angle_beta   90.00
_cell.angle_gamma   120.00
#
_symmetry.space_group_name_H-M   'P 65 2 2'
#
loop_
_entity.id
_entity.type
_entity.pdbx_description
1 polymer 'SEPF-LIKE PROTEIN'
2 water water
#
_entity_poly.entity_id   1
_entity_poly.type   'polypeptide(L)'
_entity_poly.pdbx_seq_one_letter_code
;VKPKVVYIKKIVISTHADLKRVSDELKSGNIVIVELTPLEQKPELLKKIAEQL(MSE)TTASIIGGDYAKICGSPLKVIL
TPPEIKIAKE
;
_entity_poly.pdbx_strand_id   A,B
#
# COMPACT_ATOMS: atom_id res chain seq x y z
N LYS A 4 -34.73 2.32 13.30
CA LYS A 4 -33.71 1.45 13.89
C LYS A 4 -32.31 2.01 13.68
N VAL A 5 -31.35 1.52 14.47
CA VAL A 5 -29.96 1.96 14.38
C VAL A 5 -29.15 1.14 13.38
N VAL A 6 -28.41 1.83 12.53
CA VAL A 6 -27.51 1.21 11.57
C VAL A 6 -26.07 1.53 11.99
N TYR A 7 -25.17 0.58 11.77
CA TYR A 7 -23.77 0.79 12.08
C TYR A 7 -22.89 0.85 10.84
N ILE A 8 -21.88 1.70 10.89
CA ILE A 8 -20.81 1.64 9.92
C ILE A 8 -19.70 0.77 10.48
N LYS A 9 -19.50 -0.38 9.85
CA LYS A 9 -18.46 -1.30 10.27
C LYS A 9 -17.32 -1.31 9.25
N LYS A 10 -16.11 -1.54 9.72
CA LYS A 10 -14.97 -1.69 8.84
C LYS A 10 -14.49 -3.13 8.82
N ILE A 11 -14.08 -3.60 7.66
CA ILE A 11 -13.58 -4.96 7.49
C ILE A 11 -12.37 -4.94 6.56
N VAL A 12 -11.29 -5.59 6.98
CA VAL A 12 -10.13 -5.70 6.12
C VAL A 12 -10.18 -7.03 5.40
N ILE A 13 -10.27 -6.98 4.08
CA ILE A 13 -10.23 -8.19 3.28
C ILE A 13 -8.80 -8.67 3.06
N SER A 14 -8.46 -9.77 3.72
CA SER A 14 -7.21 -10.46 3.44
C SER A 14 -7.47 -11.88 2.90
N THR A 15 -8.24 -12.67 3.64
CA THR A 15 -8.60 -14.02 3.23
C THR A 15 -9.90 -14.03 2.45
N HIS A 16 -10.29 -15.18 1.92
CA HIS A 16 -11.55 -15.28 1.18
C HIS A 16 -12.76 -15.30 2.11
N ALA A 17 -12.55 -15.70 3.36
CA ALA A 17 -13.64 -15.77 4.34
C ALA A 17 -14.19 -14.38 4.66
N ASP A 18 -13.33 -13.37 4.55
CA ASP A 18 -13.71 -12.01 4.92
C ASP A 18 -14.84 -11.46 4.06
N LEU A 19 -15.11 -12.12 2.94
CA LEU A 19 -16.15 -11.66 2.02
C LEU A 19 -17.53 -11.98 2.56
N LYS A 20 -17.66 -13.09 3.28
CA LYS A 20 -18.95 -13.42 3.89
C LYS A 20 -19.25 -12.49 5.07
N ARG A 21 -18.23 -12.19 5.87
CA ARG A 21 -18.33 -11.20 6.92
C ARG A 21 -18.98 -9.92 6.39
N VAL A 22 -18.50 -9.45 5.25
CA VAL A 22 -19.06 -8.25 4.64
C VAL A 22 -20.55 -8.43 4.29
N SER A 23 -20.82 -9.52 3.59
CA SER A 23 -22.17 -9.91 3.20
C SER A 23 -23.08 -9.94 4.41
N ASP A 24 -22.60 -10.58 5.48
CA ASP A 24 -23.38 -10.72 6.70
C ASP A 24 -23.79 -9.38 7.30
N GLU A 25 -22.84 -8.43 7.32
CA GLU A 25 -23.12 -7.10 7.85
C GLU A 25 -24.18 -6.36 7.03
N LEU A 26 -24.02 -6.36 5.71
CA LEU A 26 -25.01 -5.74 4.82
C LEU A 26 -26.39 -6.37 5.01
N LYS A 27 -26.43 -7.68 5.16
CA LYS A 27 -27.69 -8.38 5.44
C LYS A 27 -28.33 -7.87 6.72
N SER A 28 -27.51 -7.50 7.71
CA SER A 28 -28.01 -6.99 9.01
C SER A 28 -28.50 -5.56 8.90
N GLY A 29 -28.29 -4.95 7.74
CA GLY A 29 -28.68 -3.56 7.54
C GLY A 29 -27.56 -2.55 7.75
N ASN A 30 -26.34 -3.03 8.02
CA ASN A 30 -25.20 -2.16 8.26
C ASN A 30 -24.49 -1.69 7.00
N ILE A 31 -23.75 -0.60 7.14
CA ILE A 31 -22.87 -0.12 6.09
C ILE A 31 -21.48 -0.71 6.33
N VAL A 32 -20.74 -0.99 5.26
CA VAL A 32 -19.40 -1.53 5.42
C VAL A 32 -18.35 -0.73 4.67
N ILE A 33 -17.38 -0.20 5.40
CA ILE A 33 -16.15 0.28 4.78
C ILE A 33 -15.20 -0.90 4.65
N VAL A 34 -14.88 -1.28 3.42
CA VAL A 34 -13.96 -2.40 3.17
C VAL A 34 -12.57 -1.92 2.79
N GLU A 35 -11.58 -2.33 3.59
CA GLU A 35 -10.21 -1.97 3.31
C GLU A 35 -9.51 -3.11 2.55
N LEU A 36 -8.90 -2.77 1.43
CA LEU A 36 -8.36 -3.78 0.53
C LEU A 36 -6.85 -3.75 0.46
N THR A 37 -6.22 -3.15 1.47
CA THR A 37 -4.76 -2.99 1.48
C THR A 37 -3.94 -4.28 1.31
N PRO A 38 -4.31 -5.38 2.00
CA PRO A 38 -3.59 -6.64 1.81
C PRO A 38 -3.50 -7.09 0.34
N LEU A 39 -4.40 -6.56 -0.48
CA LEU A 39 -4.53 -6.97 -1.88
C LEU A 39 -3.99 -5.93 -2.84
N GLU A 40 -3.53 -4.80 -2.30
CA GLU A 40 -3.03 -3.71 -3.13
C GLU A 40 -1.90 -4.12 -4.07
N GLN A 41 -1.10 -5.10 -3.67
CA GLN A 41 0.01 -5.54 -4.52
C GLN A 41 -0.24 -6.86 -5.24
N LYS A 42 -1.51 -7.12 -5.58
CA LYS A 42 -1.90 -8.34 -6.26
C LYS A 42 -3.03 -8.06 -7.25
N PRO A 43 -2.75 -7.25 -8.28
CA PRO A 43 -3.72 -6.61 -9.17
C PRO A 43 -4.86 -7.51 -9.64
N GLU A 44 -4.54 -8.72 -10.08
CA GLU A 44 -5.55 -9.65 -10.61
C GLU A 44 -6.50 -10.15 -9.52
N LEU A 45 -5.93 -10.40 -8.34
CA LEU A 45 -6.72 -10.82 -7.19
C LEU A 45 -7.60 -9.68 -6.70
N LEU A 46 -7.03 -8.47 -6.69
CA LEU A 46 -7.76 -7.27 -6.33
C LEU A 46 -8.97 -7.12 -7.25
N LYS A 47 -8.78 -7.44 -8.53
CA LYS A 47 -9.83 -7.28 -9.53
C LYS A 47 -10.95 -8.30 -9.30
N LYS A 48 -10.56 -9.49 -8.89
CA LYS A 48 -11.51 -10.57 -8.61
C LYS A 48 -12.36 -10.24 -7.38
N ILE A 49 -11.69 -9.87 -6.30
CA ILE A 49 -12.34 -9.48 -5.05
C ILE A 49 -13.26 -8.27 -5.21
N ALA A 50 -12.78 -7.25 -5.93
CA ALA A 50 -13.57 -6.07 -6.21
C ALA A 50 -14.85 -6.45 -6.96
N GLU A 51 -14.71 -7.34 -7.92
CA GLU A 51 -15.87 -7.84 -8.67
C GLU A 51 -16.86 -8.57 -7.78
N GLN A 52 -16.33 -9.39 -6.86
CA GLN A 52 -17.20 -10.12 -5.93
C GLN A 52 -17.94 -9.18 -5.00
N LEU A 53 -17.28 -8.09 -4.61
CA LEU A 53 -17.88 -7.08 -3.73
C LEU A 53 -19.01 -6.31 -4.39
N THR A 55 -20.79 -7.48 -6.80
CA THR A 55 -21.87 -8.45 -6.94
C THR A 55 -22.63 -8.53 -5.62
N THR A 56 -21.88 -8.61 -4.52
CA THR A 56 -22.44 -8.67 -3.18
C THR A 56 -23.42 -7.54 -2.96
N ALA A 57 -23.04 -6.32 -3.35
CA ALA A 57 -23.90 -5.17 -3.18
C ALA A 57 -25.16 -5.24 -4.04
N SER A 58 -25.00 -5.61 -5.31
CA SER A 58 -26.10 -5.64 -6.25
C SER A 58 -27.13 -6.68 -5.87
N ILE A 59 -26.65 -7.85 -5.49
CA ILE A 59 -27.53 -8.95 -5.13
C ILE A 59 -28.39 -8.53 -3.94
N ILE A 60 -27.81 -7.74 -3.04
CA ILE A 60 -28.45 -7.33 -1.80
C ILE A 60 -29.31 -6.07 -2.03
N GLY A 61 -29.23 -5.52 -3.23
CA GLY A 61 -29.90 -4.27 -3.55
C GLY A 61 -29.19 -2.99 -3.09
N GLY A 62 -27.97 -3.11 -2.56
CA GLY A 62 -27.24 -1.97 -2.04
C GLY A 62 -26.31 -1.29 -3.03
N ASP A 63 -25.42 -0.43 -2.52
CA ASP A 63 -24.55 0.40 -3.36
C ASP A 63 -23.08 0.10 -3.12
N TYR A 64 -22.23 0.62 -4.00
CA TYR A 64 -20.79 0.36 -3.96
C TYR A 64 -20.05 1.60 -4.45
N ALA A 65 -18.96 1.96 -3.80
CA ALA A 65 -18.08 3.03 -4.29
C ALA A 65 -16.76 3.08 -3.55
N LYS A 66 -15.70 3.44 -4.27
CA LYS A 66 -14.37 3.68 -3.69
C LYS A 66 -14.41 4.96 -2.86
N ILE A 67 -13.74 4.95 -1.71
CA ILE A 67 -13.69 6.11 -0.82
C ILE A 67 -12.28 6.63 -0.47
N CYS A 68 -11.27 5.76 -0.40
CA CYS A 68 -9.88 6.24 -0.41
C CYS A 68 -9.08 5.48 -1.45
N GLY A 69 -8.02 6.13 -1.92
CA GLY A 69 -7.02 5.48 -2.75
C GLY A 69 -5.93 4.90 -1.87
N SER A 70 -5.68 5.50 -0.71
CA SER A 70 -4.68 4.99 0.22
C SER A 70 -5.02 5.39 1.66
N PRO A 71 -5.41 4.41 2.48
CA PRO A 71 -5.58 3.00 2.07
C PRO A 71 -6.68 2.84 1.02
N LEU A 72 -6.59 1.77 0.23
CA LEU A 72 -7.60 1.52 -0.76
C LEU A 72 -8.84 1.04 -0.04
N LYS A 73 -9.93 1.79 -0.18
CA LYS A 73 -11.19 1.48 0.54
C LYS A 73 -12.40 1.66 -0.35
N VAL A 74 -13.34 0.74 -0.21
CA VAL A 74 -14.63 0.90 -0.87
C VAL A 74 -15.72 0.87 0.18
N ILE A 75 -16.84 1.50 -0.12
CA ILE A 75 -17.96 1.48 0.81
C ILE A 75 -19.12 0.72 0.19
N LEU A 76 -19.70 -0.19 0.96
CA LEU A 76 -20.87 -0.95 0.52
C LEU A 76 -22.05 -0.64 1.45
N THR A 77 -23.21 -0.35 0.87
CA THR A 77 -24.40 -0.01 1.63
C THR A 77 -25.51 -1.04 1.47
N PRO A 78 -26.33 -1.21 2.51
CA PRO A 78 -27.54 -2.05 2.43
C PRO A 78 -28.62 -1.30 1.65
N PRO A 79 -29.65 -2.00 1.18
CA PRO A 79 -30.70 -1.36 0.37
C PRO A 79 -31.25 -0.04 0.93
N GLU A 80 -31.34 0.10 2.25
CA GLU A 80 -31.98 1.27 2.88
C GLU A 80 -31.15 2.56 2.75
N ILE A 81 -29.88 2.40 2.39
CA ILE A 81 -28.98 3.54 2.33
C ILE A 81 -28.37 3.65 0.94
N LYS A 82 -28.60 4.78 0.29
CA LYS A 82 -28.16 4.99 -1.08
C LYS A 82 -27.03 5.99 -1.18
N ILE A 83 -26.13 5.73 -2.12
CA ILE A 83 -25.10 6.68 -2.46
C ILE A 83 -25.73 7.66 -3.44
N ALA A 84 -26.05 8.86 -2.94
CA ALA A 84 -26.62 9.92 -3.77
C ALA A 84 -25.63 10.38 -4.84
N LYS A 85 -26.12 11.02 -5.89
CA LYS A 85 -25.23 11.47 -6.95
C LYS A 85 -25.60 12.85 -7.49
N VAL B 1 -8.57 15.33 10.03
CA VAL B 1 -7.76 16.20 10.88
C VAL B 1 -6.54 16.76 10.13
N LYS B 2 -5.65 15.87 9.68
CA LYS B 2 -4.44 16.28 8.95
C LYS B 2 -4.21 15.43 7.70
N PRO B 3 -3.89 16.09 6.58
CA PRO B 3 -3.75 15.42 5.27
C PRO B 3 -2.54 14.49 5.25
N LYS B 4 -2.65 13.38 4.52
CA LYS B 4 -1.57 12.40 4.45
C LYS B 4 -0.37 12.97 3.69
N VAL B 5 0.81 12.92 4.30
CA VAL B 5 2.04 13.37 3.63
C VAL B 5 3.16 12.34 3.70
N VAL B 6 3.73 12.06 2.54
CA VAL B 6 4.91 11.21 2.42
C VAL B 6 6.16 12.10 2.40
N TYR B 7 7.26 11.61 2.92
CA TYR B 7 8.49 12.37 2.91
C TYR B 7 9.54 11.73 2.01
N ILE B 8 10.33 12.58 1.35
CA ILE B 8 11.55 12.12 0.73
C ILE B 8 12.68 12.32 1.71
N LYS B 9 13.26 11.22 2.17
CA LYS B 9 14.39 11.28 3.09
C LYS B 9 15.66 10.84 2.39
N LYS B 10 16.79 11.35 2.86
CA LYS B 10 18.07 10.95 2.32
C LYS B 10 18.86 10.21 3.39
N ILE B 11 19.59 9.19 2.96
CA ILE B 11 20.39 8.38 3.87
C ILE B 11 21.72 8.04 3.18
N VAL B 12 22.81 8.21 3.91
CA VAL B 12 24.11 7.85 3.39
C VAL B 12 24.49 6.51 3.95
N ILE B 13 24.63 5.54 3.06
CA ILE B 13 25.07 4.20 3.47
C ILE B 13 26.57 4.17 3.64
N SER B 14 27.02 4.04 4.88
CA SER B 14 28.43 3.80 5.15
C SER B 14 28.59 2.47 5.90
N THR B 15 27.89 2.34 7.01
CA THR B 15 27.91 1.12 7.81
C THR B 15 26.80 0.16 7.38
N HIS B 16 26.80 -1.04 7.93
CA HIS B 16 25.75 -2.01 7.58
C HIS B 16 24.41 -1.67 8.25
N ALA B 17 24.47 -0.92 9.34
CA ALA B 17 23.28 -0.56 10.09
C ALA B 17 22.38 0.36 9.26
N ASP B 18 22.99 1.13 8.38
CA ASP B 18 22.26 2.13 7.61
C ASP B 18 21.24 1.49 6.68
N LEU B 19 21.33 0.19 6.49
CA LEU B 19 20.41 -0.50 5.59
C LEU B 19 19.05 -0.67 6.22
N LYS B 20 19.02 -0.85 7.54
CA LYS B 20 17.74 -0.99 8.22
C LYS B 20 17.03 0.36 8.29
N ARG B 21 17.80 1.42 8.53
CA ARG B 21 17.27 2.78 8.48
C ARG B 21 16.47 3.00 7.20
N VAL B 22 17.04 2.58 6.07
CA VAL B 22 16.37 2.72 4.79
C VAL B 22 15.08 1.91 4.75
N SER B 23 15.20 0.64 5.13
CA SER B 23 14.07 -0.27 5.26
C SER B 23 12.96 0.33 6.12
N ASP B 24 13.36 0.89 7.27
CA ASP B 24 12.40 1.48 8.21
C ASP B 24 11.60 2.63 7.59
N GLU B 25 12.29 3.47 6.82
CA GLU B 25 11.64 4.59 6.15
C GLU B 25 10.62 4.13 5.11
N LEU B 26 11.00 3.17 4.29
CA LEU B 26 10.10 2.63 3.28
C LEU B 26 8.87 2.01 3.94
N LYS B 27 9.09 1.36 5.07
CA LYS B 27 8.00 0.78 5.83
C LYS B 27 7.03 1.86 6.28
N SER B 28 7.55 3.04 6.58
CA SER B 28 6.75 4.16 7.06
C SER B 28 5.98 4.81 5.93
N GLY B 29 6.24 4.36 4.70
CA GLY B 29 5.62 4.96 3.54
C GLY B 29 6.42 6.07 2.86
N ASN B 30 7.63 6.33 3.35
CA ASN B 30 8.50 7.36 2.76
C ASN B 30 9.30 6.91 1.53
N ILE B 31 9.77 7.89 0.77
CA ILE B 31 10.71 7.65 -0.32
C ILE B 31 12.13 7.86 0.22
N VAL B 32 13.08 7.07 -0.25
CA VAL B 32 14.46 7.24 0.21
C VAL B 32 15.45 7.46 -0.92
N ILE B 33 16.11 8.61 -0.90
CA ILE B 33 17.30 8.82 -1.73
C ILE B 33 18.50 8.29 -0.96
N VAL B 34 19.15 7.25 -1.50
CA VAL B 34 20.27 6.61 -0.82
C VAL B 34 21.59 7.00 -1.48
N GLU B 35 22.48 7.62 -0.72
CA GLU B 35 23.76 8.01 -1.25
C GLU B 35 24.81 6.96 -0.92
N LEU B 36 25.53 6.51 -1.93
CA LEU B 36 26.44 5.39 -1.77
C LEU B 36 27.91 5.79 -1.94
N THR B 37 28.21 7.08 -1.77
CA THR B 37 29.56 7.60 -1.95
C THR B 37 30.66 6.93 -1.10
N PRO B 38 30.37 6.64 0.18
CA PRO B 38 31.39 5.95 0.99
C PRO B 38 31.86 4.63 0.38
N LEU B 39 31.04 4.07 -0.51
CA LEU B 39 31.26 2.75 -1.07
C LEU B 39 31.71 2.83 -2.52
N GLU B 40 31.82 4.05 -3.05
CA GLU B 40 32.19 4.22 -4.44
C GLU B 40 33.54 3.57 -4.79
N GLN B 41 34.46 3.53 -3.83
CA GLN B 41 35.78 2.95 -4.10
C GLN B 41 35.96 1.54 -3.56
N LYS B 42 34.87 0.79 -3.51
CA LYS B 42 34.89 -0.58 -3.00
C LYS B 42 33.89 -1.41 -3.81
N PRO B 43 34.18 -1.61 -5.10
CA PRO B 43 33.27 -2.16 -6.10
C PRO B 43 32.49 -3.41 -5.67
N GLU B 44 33.15 -4.38 -5.05
CA GLU B 44 32.48 -5.61 -4.65
C GLU B 44 31.47 -5.35 -3.53
N LEU B 45 31.84 -4.49 -2.60
CA LEU B 45 30.98 -4.12 -1.49
C LEU B 45 29.80 -3.31 -2.02
N LEU B 46 30.08 -2.43 -2.97
CA LEU B 46 29.04 -1.63 -3.59
C LEU B 46 28.03 -2.53 -4.28
N LYS B 47 28.52 -3.59 -4.90
CA LYS B 47 27.66 -4.56 -5.56
C LYS B 47 26.78 -5.32 -4.56
N LYS B 48 27.35 -5.65 -3.41
CA LYS B 48 26.63 -6.36 -2.35
C LYS B 48 25.52 -5.50 -1.79
N ILE B 49 25.87 -4.27 -1.41
CA ILE B 49 24.92 -3.31 -0.86
C ILE B 49 23.79 -2.97 -1.84
N ALA B 50 24.15 -2.74 -3.09
CA ALA B 50 23.16 -2.47 -4.13
C ALA B 50 22.17 -3.62 -4.21
N GLU B 51 22.69 -4.84 -4.14
CA GLU B 51 21.84 -6.03 -4.20
C GLU B 51 20.89 -6.11 -3.02
N GLN B 52 21.39 -5.77 -1.85
CA GLN B 52 20.57 -5.76 -0.66
C GLN B 52 19.47 -4.69 -0.71
N LEU B 53 19.76 -3.56 -1.36
CA LEU B 53 18.79 -2.48 -1.53
C LEU B 53 17.66 -2.87 -2.49
N THR B 55 16.68 -5.86 -3.03
CA THR B 55 15.89 -6.86 -2.35
C THR B 55 14.96 -6.16 -1.36
N THR B 56 15.48 -5.15 -0.68
CA THR B 56 14.71 -4.33 0.22
C THR B 56 13.45 -3.78 -0.47
N ALA B 57 13.65 -3.24 -1.66
CA ALA B 57 12.55 -2.65 -2.41
C ALA B 57 11.52 -3.69 -2.83
N SER B 58 11.99 -4.81 -3.34
CA SER B 58 11.12 -5.85 -3.86
C SER B 58 10.29 -6.46 -2.75
N ILE B 59 10.93 -6.72 -1.63
CA ILE B 59 10.26 -7.36 -0.51
C ILE B 59 9.15 -6.43 -0.03
N ILE B 60 9.41 -5.14 -0.13
CA ILE B 60 8.48 -4.12 0.37
C ILE B 60 7.45 -3.73 -0.68
N GLY B 61 7.65 -4.23 -1.90
CA GLY B 61 6.73 -3.98 -2.99
C GLY B 61 7.03 -2.70 -3.74
N GLY B 62 8.13 -2.05 -3.39
CA GLY B 62 8.46 -0.76 -3.96
C GLY B 62 9.39 -0.80 -5.17
N ASP B 63 9.92 0.36 -5.53
CA ASP B 63 10.77 0.49 -6.72
C ASP B 63 12.22 0.88 -6.40
N TYR B 64 13.08 0.74 -7.40
CA TYR B 64 14.50 1.02 -7.22
C TYR B 64 15.09 1.55 -8.53
N ALA B 65 15.95 2.57 -8.43
CA ALA B 65 16.66 3.11 -9.59
C ALA B 65 17.75 4.11 -9.19
N LYS B 66 18.82 4.08 -9.96
CA LYS B 66 19.87 5.08 -9.86
C LYS B 66 19.38 6.47 -10.30
N ILE B 67 19.79 7.51 -9.59
CA ILE B 67 19.41 8.88 -9.92
C ILE B 67 20.60 9.83 -10.11
N CYS B 68 21.75 9.49 -9.56
CA CYS B 68 22.93 10.35 -9.64
C CYS B 68 24.24 9.58 -9.69
N GLY B 69 25.20 10.02 -10.50
CA GLY B 69 26.52 9.39 -10.57
C GLY B 69 27.50 9.93 -9.56
N SER B 70 27.41 11.24 -9.32
CA SER B 70 28.25 11.89 -8.31
C SER B 70 27.50 13.04 -7.67
N PRO B 71 27.16 12.92 -6.38
CA PRO B 71 27.39 11.72 -5.57
C PRO B 71 26.61 10.51 -6.11
N LEU B 72 27.09 9.31 -5.82
CA LEU B 72 26.39 8.11 -6.24
C LEU B 72 25.14 7.95 -5.40
N LYS B 73 23.99 8.00 -6.05
CA LYS B 73 22.72 7.96 -5.34
C LYS B 73 21.73 7.07 -6.04
N VAL B 74 20.98 6.30 -5.25
CA VAL B 74 19.85 5.58 -5.79
C VAL B 74 18.56 6.01 -5.07
N ILE B 75 17.43 5.82 -5.72
CA ILE B 75 16.16 6.15 -5.09
C ILE B 75 15.37 4.87 -4.87
N LEU B 76 14.81 4.72 -3.68
CA LEU B 76 13.91 3.62 -3.38
C LEU B 76 12.54 4.15 -2.99
N THR B 77 11.50 3.58 -3.58
CA THR B 77 10.11 4.02 -3.33
C THR B 77 9.29 2.94 -2.65
N PRO B 78 8.30 3.37 -1.84
CA PRO B 78 7.32 2.47 -1.24
C PRO B 78 6.32 2.05 -2.30
N PRO B 79 5.54 0.98 -2.05
CA PRO B 79 4.61 0.45 -3.06
C PRO B 79 3.70 1.51 -3.71
N GLU B 80 3.31 2.54 -2.96
CA GLU B 80 2.35 3.54 -3.44
C GLU B 80 2.91 4.48 -4.51
N ILE B 81 4.24 4.50 -4.64
CA ILE B 81 4.91 5.38 -5.58
C ILE B 81 5.78 4.61 -6.56
N LYS B 82 5.52 4.79 -7.86
CA LYS B 82 6.18 4.00 -8.88
C LYS B 82 7.11 4.87 -9.72
N ILE B 83 8.21 4.27 -10.13
CA ILE B 83 9.09 4.90 -11.09
C ILE B 83 8.60 4.64 -12.50
N ALA B 84 8.34 5.71 -13.24
CA ALA B 84 7.82 5.61 -14.58
C ALA B 84 8.78 4.89 -15.54
#